data_5A6U
#
_entry.id   5A6U
#
_cell.length_a   1.000
_cell.length_b   1.000
_cell.length_c   1.000
_cell.angle_alpha   90.00
_cell.angle_beta   90.00
_cell.angle_gamma   90.00
#
_symmetry.space_group_name_H-M   'P 1'
#
loop_
_entity.id
_entity.type
_entity.pdbx_description
1 polymer SEC61A
2 polymer SEC61B
3 polymer SEC61G
#
loop_
_entity_poly.entity_id
_entity_poly.type
_entity_poly.pdbx_seq_one_letter_code
_entity_poly.pdbx_strand_id
1 'polypeptide(L)'
;IQFKEKVLWTAITLFIFLVCCQIPLFGIMSSDSADPFYWMRVILASNRGTLMELGISPIVTSGLIMQLLAGAKIIEVGDT
PKDRALFNGAQKLFGMIITIGQSIVYVMTGMYGDPSEMGAGICLLITIQLFVAGLIVLLLDELLQKGYGLGSGISLFIAT
NICETIVWKAFSPTTVNTGRGMEFEGAIIALFHLLATRTDKVRALREAFYRQNLPNLMNLIATIFVFAVVIYFQGFRVDL
PIKSARYRGQYNTYPIKLFYTSNIPIILQSALVSNLYVISQMLSARFSGNLLVSLLGTWSDTSSGGPARAYPVGGLCHYL
SPPESFGSVLEDPVHAVVYIVFMLGSCAFFSKTWIEVSGSSAKDVAKQLKEQQMVMRGHRETSMVHELNRYIPTAAAFGG
LCIGALSVLADFLGAIGSGTGILLAVTIIYQYFEIFVKEQSEVGSMGALLF
;
A
2 'polypeptide(L)' EDSPGLKVGPVPVLVMSLLFIASVFMLHIWGKYTRS B
3 'polypeptide(L)' FVEPSRQFVKDSIRLVKRCTKPDRKEFQKIAMATAIGFAIMGFIGFFVKLIHIPINNIIVGG G
#
# COMPACT_ATOMS: atom_id res chain seq x y z
N ILE A 1 24.88 -9.48 0.55
CA ILE A 1 26.25 -9.13 0.95
C ILE A 1 26.59 -7.91 0.24
N GLN A 2 26.68 -7.95 -1.09
CA GLN A 2 27.14 -6.96 -2.04
C GLN A 2 25.91 -6.19 -2.52
N PHE A 3 26.14 -4.92 -3.02
CA PHE A 3 25.02 -4.02 -3.37
C PHE A 3 24.59 -4.33 -4.71
N LYS A 4 25.60 -5.02 -5.44
CA LYS A 4 25.47 -5.69 -6.75
C LYS A 4 24.69 -6.98 -6.74
N GLU A 5 24.89 -7.82 -5.62
CA GLU A 5 24.06 -8.93 -5.24
C GLU A 5 22.73 -8.58 -4.85
N LYS A 6 22.62 -7.60 -3.99
CA LYS A 6 21.39 -7.18 -3.37
C LYS A 6 20.40 -6.74 -4.36
N VAL A 7 20.77 -6.13 -5.53
CA VAL A 7 19.92 -5.77 -6.66
C VAL A 7 19.48 -6.92 -7.46
N LEU A 8 20.24 -8.05 -7.50
CA LEU A 8 19.91 -9.22 -8.23
C LEU A 8 18.84 -9.92 -7.63
N TRP A 9 18.77 -9.91 -6.26
CA TRP A 9 17.73 -10.59 -5.56
C TRP A 9 16.35 -9.88 -5.78
N THR A 10 16.43 -8.61 -6.26
CA THR A 10 15.29 -7.68 -6.50
C THR A 10 14.81 -7.85 -7.95
N ALA A 11 15.73 -8.10 -8.90
CA ALA A 11 15.44 -8.35 -10.30
C ALA A 11 14.61 -9.61 -10.41
N ILE A 12 15.02 -10.77 -9.75
CA ILE A 12 14.40 -12.05 -9.67
C ILE A 12 12.89 -11.83 -9.38
N THR A 13 12.69 -11.06 -8.30
CA THR A 13 11.39 -10.96 -7.74
C THR A 13 10.55 -10.01 -8.60
N LEU A 14 11.21 -8.95 -9.20
CA LEU A 14 10.65 -7.90 -10.00
C LEU A 14 10.01 -8.52 -11.17
N PHE A 15 10.81 -9.29 -12.02
CA PHE A 15 10.34 -9.83 -13.32
C PHE A 15 9.23 -10.89 -13.23
N ILE A 16 9.37 -11.69 -12.15
CA ILE A 16 8.38 -12.69 -11.81
C ILE A 16 7.06 -12.04 -11.50
N PHE A 17 7.03 -10.95 -10.73
CA PHE A 17 5.79 -10.17 -10.32
C PHE A 17 5.28 -9.36 -11.57
N LEU A 18 6.10 -9.19 -12.65
CA LEU A 18 5.81 -8.28 -13.68
C LEU A 18 5.02 -9.04 -14.65
N VAL A 19 5.51 -10.22 -15.09
CA VAL A 19 4.69 -11.23 -15.82
C VAL A 19 3.47 -11.65 -15.20
N CYS A 20 3.47 -11.85 -13.87
CA CYS A 20 2.30 -12.29 -13.13
C CYS A 20 1.13 -11.39 -13.22
N CYS A 21 1.30 -10.09 -13.08
CA CYS A 21 0.17 -9.15 -13.09
C CYS A 21 -0.10 -8.81 -14.58
N GLN A 22 -1.27 -8.87 -15.00
N SER A 33 -16.26 -11.17 5.45
CA SER A 33 -17.68 -10.73 5.70
C SER A 33 -18.62 -11.77 5.10
N ALA A 34 -19.28 -11.42 4.05
CA ALA A 34 -20.08 -12.37 3.26
C ALA A 34 -20.04 -11.89 1.83
N ASP A 35 -19.31 -10.81 1.58
CA ASP A 35 -18.94 -10.30 0.25
C ASP A 35 -17.42 -10.02 0.45
N PRO A 36 -16.71 -10.02 -0.68
CA PRO A 36 -15.51 -9.28 -0.80
C PRO A 36 -15.45 -7.83 -0.19
N PHE A 37 -14.23 -7.44 0.20
CA PHE A 37 -13.74 -6.21 0.79
C PHE A 37 -13.34 -5.19 -0.17
N TYR A 38 -13.38 -3.88 0.23
CA TYR A 38 -13.10 -2.81 -0.75
C TYR A 38 -11.65 -2.79 -0.84
N TRP A 39 -10.97 -2.88 0.28
CA TRP A 39 -9.51 -2.57 0.32
C TRP A 39 -8.75 -3.57 -0.51
N MET A 40 -9.27 -4.80 -0.67
CA MET A 40 -8.68 -5.88 -1.46
C MET A 40 -8.40 -5.51 -2.87
N ARG A 41 -9.21 -4.64 -3.46
CA ARG A 41 -9.17 -4.21 -4.84
C ARG A 41 -8.08 -3.30 -5.02
N VAL A 42 -7.79 -2.51 -3.93
CA VAL A 42 -6.72 -1.52 -3.89
C VAL A 42 -5.29 -2.01 -4.06
N ILE A 43 -4.90 -3.02 -3.29
CA ILE A 43 -3.65 -3.68 -3.32
C ILE A 43 -3.49 -4.44 -4.61
N LEU A 44 -4.46 -5.24 -5.08
CA LEU A 44 -4.52 -5.93 -6.35
C LEU A 44 -4.69 -4.82 -7.40
N ALA A 45 -4.78 -5.14 -8.68
CA ALA A 45 -5.04 -4.17 -9.68
C ALA A 45 -5.64 -4.94 -10.83
N SER A 46 -5.58 -6.31 -10.86
CA SER A 46 -6.35 -7.10 -11.85
C SER A 46 -7.70 -7.71 -11.31
N ASN A 47 -7.84 -7.99 -9.98
CA ASN A 47 -8.94 -8.73 -9.37
C ASN A 47 -8.86 -10.12 -9.93
N ARG A 48 -7.61 -10.69 -10.01
CA ARG A 48 -7.26 -11.97 -10.57
C ARG A 48 -7.41 -11.92 -12.06
N GLY A 49 -6.24 -11.99 -12.72
CA GLY A 49 -6.24 -12.14 -14.22
C GLY A 49 -6.15 -13.59 -14.55
N THR A 50 -5.28 -13.96 -15.53
CA THR A 50 -5.25 -15.31 -16.05
C THR A 50 -3.93 -15.88 -15.66
N LEU A 51 -3.15 -15.16 -14.86
CA LEU A 51 -1.83 -15.53 -14.42
C LEU A 51 -1.54 -14.86 -13.11
N MET A 52 -2.41 -13.92 -12.73
CA MET A 52 -2.23 -13.17 -11.50
C MET A 52 -2.41 -14.09 -10.32
N GLU A 53 -3.44 -14.98 -10.46
CA GLU A 53 -3.85 -15.95 -9.38
C GLU A 53 -3.73 -15.54 -7.93
N LEU A 54 -4.39 -14.34 -7.61
CA LEU A 54 -4.31 -13.66 -6.35
C LEU A 54 -2.91 -13.59 -5.74
N GLY A 55 -2.03 -12.83 -6.42
CA GLY A 55 -0.60 -12.82 -6.12
C GLY A 55 -0.12 -12.07 -4.89
N ILE A 56 -1.00 -11.14 -4.31
CA ILE A 56 -0.73 -10.31 -3.13
C ILE A 56 -1.74 -10.62 -2.06
N SER A 57 -3.07 -10.70 -2.42
CA SER A 57 -4.14 -10.89 -1.46
C SER A 57 -3.91 -11.72 -0.21
N PRO A 58 -3.53 -13.07 -0.29
CA PRO A 58 -3.35 -13.89 0.85
C PRO A 58 -2.31 -13.37 1.79
N ILE A 59 -1.24 -12.73 1.23
CA ILE A 59 -0.01 -12.52 2.06
C ILE A 59 -0.24 -11.37 3.03
N VAL A 60 -1.02 -10.37 2.50
CA VAL A 60 -1.36 -9.20 3.21
C VAL A 60 -2.53 -9.52 4.17
N THR A 61 -3.69 -10.18 3.81
CA THR A 61 -4.73 -10.67 4.72
C THR A 61 -4.18 -11.51 5.93
N SER A 62 -3.30 -12.48 5.66
CA SER A 62 -2.64 -13.32 6.65
C SER A 62 -1.75 -12.59 7.59
N GLY A 63 -0.94 -11.62 7.05
CA GLY A 63 -0.04 -10.81 7.90
C GLY A 63 -0.70 -9.90 8.82
N LEU A 64 -1.97 -9.48 8.55
CA LEU A 64 -2.62 -8.51 9.39
C LEU A 64 -3.61 -8.99 10.34
N ILE A 65 -4.25 -10.16 10.01
CA ILE A 65 -4.90 -10.97 11.00
C ILE A 65 -3.97 -11.43 12.09
N MET A 66 -2.72 -11.85 11.68
CA MET A 66 -1.73 -12.40 12.62
C MET A 66 -1.11 -11.36 13.44
N GLN A 67 -0.95 -10.09 12.96
CA GLN A 67 -0.35 -9.03 13.67
C GLN A 67 -1.31 -8.55 14.82
N LEU A 68 -2.63 -8.55 14.48
CA LEU A 68 -3.66 -8.29 15.46
C LEU A 68 -3.64 -9.34 16.56
N LEU A 69 -3.49 -10.63 16.26
CA LEU A 69 -3.42 -11.73 17.23
C LEU A 69 -2.17 -11.63 18.05
N ALA A 70 -1.02 -11.47 17.43
CA ALA A 70 0.31 -11.32 18.02
C ALA A 70 0.53 -10.14 18.90
N GLY A 71 0.07 -8.94 18.54
CA GLY A 71 0.25 -7.73 19.26
C GLY A 71 -0.48 -7.78 20.55
N ALA A 72 -1.73 -8.36 20.46
CA ALA A 72 -2.62 -8.58 21.60
C ALA A 72 -1.88 -9.25 22.69
N LYS A 73 -2.11 -8.87 23.95
CA LYS A 73 -1.19 -9.15 25.08
C LYS A 73 -1.21 -10.57 25.46
N ILE A 74 -2.20 -11.32 24.91
CA ILE A 74 -2.46 -12.70 25.27
C ILE A 74 -1.39 -13.67 24.79
N ILE A 75 -0.79 -13.42 23.66
CA ILE A 75 0.36 -14.12 23.20
C ILE A 75 1.26 -13.08 22.68
N GLU A 76 2.58 -13.36 22.81
CA GLU A 76 3.66 -12.41 22.65
C GLU A 76 4.88 -13.10 22.05
N VAL A 77 5.63 -12.38 21.21
CA VAL A 77 6.86 -12.80 20.57
C VAL A 77 7.97 -12.58 21.59
N GLY A 78 8.62 -13.69 21.95
CA GLY A 78 9.77 -13.66 22.86
C GLY A 78 10.96 -13.72 21.97
N ASP A 79 12.12 -13.81 22.64
CA ASP A 79 13.34 -13.54 21.92
C ASP A 79 13.89 -14.81 21.25
N THR A 80 13.18 -15.94 21.52
CA THR A 80 13.44 -17.31 21.06
C THR A 80 13.46 -17.34 19.51
N PRO A 81 14.20 -18.20 18.83
CA PRO A 81 13.82 -18.68 17.44
C PRO A 81 12.41 -19.17 17.25
N LYS A 82 11.82 -19.74 18.33
CA LYS A 82 10.62 -20.59 18.25
C LYS A 82 9.36 -19.77 17.98
N ASP A 83 9.15 -18.58 18.57
CA ASP A 83 7.98 -17.73 18.34
C ASP A 83 7.92 -17.08 17.00
N ARG A 84 9.16 -16.93 16.44
CA ARG A 84 9.36 -16.45 15.11
C ARG A 84 8.80 -17.49 14.11
N ALA A 85 9.28 -18.75 14.23
CA ALA A 85 8.98 -19.97 13.44
C ALA A 85 7.48 -20.08 13.33
N LEU A 86 6.75 -20.21 14.45
CA LEU A 86 5.32 -20.40 14.54
C LEU A 86 4.59 -19.24 13.96
N PHE A 87 5.03 -17.97 14.06
CA PHE A 87 4.42 -16.73 13.54
C PHE A 87 4.48 -16.88 12.03
N ASN A 88 5.61 -17.35 11.44
CA ASN A 88 5.78 -17.50 10.02
C ASN A 88 4.87 -18.58 9.56
N GLY A 89 4.85 -19.69 10.27
CA GLY A 89 3.98 -20.87 9.99
C GLY A 89 2.54 -20.59 9.95
N ALA A 90 2.12 -19.75 10.94
CA ALA A 90 0.76 -19.24 11.22
C ALA A 90 0.24 -18.39 10.11
N GLN A 91 1.15 -17.54 9.51
CA GLN A 91 0.88 -16.68 8.39
C GLN A 91 0.73 -17.44 7.14
N LYS A 92 1.64 -18.44 6.82
CA LYS A 92 1.46 -19.39 5.71
C LYS A 92 0.13 -20.13 5.73
N LEU A 93 -0.35 -20.55 6.94
CA LEU A 93 -1.51 -21.40 7.05
C LEU A 93 -2.80 -20.67 6.82
N PHE A 94 -2.87 -19.45 7.33
CA PHE A 94 -3.95 -18.44 7.11
C PHE A 94 -4.03 -18.07 5.66
N GLY A 95 -2.86 -17.85 5.00
CA GLY A 95 -2.78 -17.46 3.63
C GLY A 95 -3.38 -18.43 2.63
N MET A 96 -3.28 -19.77 2.87
CA MET A 96 -3.95 -20.75 2.07
C MET A 96 -5.40 -20.66 2.32
N ILE A 97 -5.75 -20.64 3.70
CA ILE A 97 -7.14 -20.65 4.14
C ILE A 97 -8.00 -19.58 3.50
N ILE A 98 -7.49 -18.38 3.41
CA ILE A 98 -8.24 -17.29 2.88
C ILE A 98 -8.49 -17.44 1.39
N THR A 99 -7.39 -17.92 0.67
CA THR A 99 -7.57 -18.18 -0.78
C THR A 99 -8.56 -19.33 -1.07
N ILE A 100 -8.57 -20.45 -0.23
CA ILE A 100 -9.58 -21.52 -0.47
C ILE A 100 -10.96 -20.98 -0.22
N GLY A 101 -11.19 -20.34 1.01
CA GLY A 101 -12.38 -19.68 1.45
C GLY A 101 -13.04 -18.80 0.41
N GLN A 102 -12.23 -17.86 -0.18
CA GLN A 102 -12.60 -17.06 -1.35
C GLN A 102 -12.96 -17.80 -2.61
N SER A 103 -12.03 -18.68 -3.04
CA SER A 103 -12.15 -19.14 -4.36
C SER A 103 -13.25 -20.04 -4.80
N ILE A 104 -13.77 -20.80 -3.76
CA ILE A 104 -14.81 -21.81 -3.81
C ILE A 104 -16.17 -21.16 -4.05
N VAL A 105 -16.29 -19.90 -3.72
CA VAL A 105 -17.50 -19.14 -3.72
C VAL A 105 -17.80 -18.80 -5.20
N TYR A 106 -16.78 -18.53 -6.03
CA TYR A 106 -16.85 -18.02 -7.44
C TYR A 106 -17.00 -19.26 -8.41
N VAL A 107 -16.65 -20.41 -7.82
CA VAL A 107 -16.89 -21.66 -8.46
C VAL A 107 -18.31 -22.01 -8.39
N MET A 108 -18.96 -21.84 -7.20
CA MET A 108 -20.36 -22.06 -7.14
C MET A 108 -21.15 -20.78 -7.60
N THR A 109 -21.46 -20.01 -6.64
N CYS A 123 -13.83 -21.99 -14.83
CA CYS A 123 -14.32 -22.84 -13.62
C CYS A 123 -13.45 -24.02 -13.44
N LEU A 124 -13.06 -24.67 -14.62
CA LEU A 124 -12.12 -25.79 -14.58
C LEU A 124 -10.75 -25.28 -14.62
N LEU A 125 -10.45 -24.15 -15.28
CA LEU A 125 -9.09 -23.75 -15.55
C LEU A 125 -8.28 -23.13 -14.38
N ILE A 126 -8.93 -22.18 -13.67
CA ILE A 126 -8.27 -21.35 -12.69
C ILE A 126 -8.24 -21.96 -11.30
N THR A 127 -9.26 -22.86 -10.99
CA THR A 127 -9.15 -23.55 -9.82
C THR A 127 -7.91 -24.42 -9.70
N ILE A 128 -7.40 -25.10 -10.76
CA ILE A 128 -6.34 -26.03 -10.68
C ILE A 128 -5.01 -25.28 -10.61
N GLN A 129 -4.99 -24.11 -11.35
CA GLN A 129 -3.87 -23.27 -11.57
C GLN A 129 -3.58 -22.56 -10.24
N LEU A 130 -4.59 -22.19 -9.45
CA LEU A 130 -4.46 -21.39 -8.23
C LEU A 130 -3.63 -22.19 -7.24
N PHE A 131 -3.80 -23.49 -7.13
CA PHE A 131 -3.05 -24.28 -6.18
C PHE A 131 -1.57 -24.29 -6.50
N VAL A 132 -1.18 -24.46 -7.83
CA VAL A 132 0.18 -24.34 -8.24
C VAL A 132 0.80 -22.89 -8.02
N ALA A 133 -0.06 -21.83 -8.00
CA ALA A 133 0.36 -20.46 -7.94
C ALA A 133 0.55 -20.01 -6.52
N GLY A 134 -0.13 -20.68 -5.51
CA GLY A 134 0.13 -20.39 -4.09
C GLY A 134 1.41 -21.03 -3.67
N LEU A 135 2.15 -21.73 -4.50
CA LEU A 135 3.40 -22.39 -4.19
C LEU A 135 4.52 -21.62 -4.64
N ILE A 136 4.26 -20.64 -5.51
CA ILE A 136 5.28 -19.82 -6.00
C ILE A 136 5.57 -18.70 -5.07
N VAL A 137 4.41 -17.99 -4.73
CA VAL A 137 4.24 -16.76 -3.96
C VAL A 137 4.78 -16.79 -2.54
N LEU A 138 4.46 -17.84 -1.78
CA LEU A 138 4.70 -17.98 -0.41
C LEU A 138 6.24 -17.94 -0.11
N LEU A 139 7.17 -18.61 -0.85
CA LEU A 139 8.56 -18.65 -0.63
C LEU A 139 9.19 -17.44 -1.23
N LEU A 140 8.54 -16.91 -2.29
CA LEU A 140 8.99 -15.70 -2.99
C LEU A 140 9.04 -14.40 -2.17
N ASP A 141 7.96 -14.25 -1.41
CA ASP A 141 7.77 -13.19 -0.49
C ASP A 141 8.86 -13.21 0.59
N GLU A 142 9.31 -14.47 0.98
CA GLU A 142 10.40 -14.67 1.87
C GLU A 142 11.80 -14.66 1.18
N LEU A 143 11.85 -14.36 -0.12
CA LEU A 143 13.06 -14.23 -0.85
C LEU A 143 13.56 -12.80 -0.89
N LEU A 144 12.67 -11.85 -0.49
CA LEU A 144 12.95 -10.46 -0.53
C LEU A 144 12.88 -9.90 0.82
N GLN A 145 12.63 -10.71 1.92
CA GLN A 145 12.87 -10.24 3.30
C GLN A 145 14.26 -10.71 3.80
N LYS A 146 15.02 -11.41 2.98
CA LYS A 146 16.18 -12.06 3.41
C LYS A 146 17.27 -11.82 2.43
N GLY A 147 16.86 -11.69 1.17
CA GLY A 147 17.69 -11.59 -0.03
C GLY A 147 17.84 -10.09 -0.38
N TYR A 148 16.85 -9.33 0.08
CA TYR A 148 16.89 -7.92 -0.02
C TYR A 148 16.60 -7.47 1.40
N GLY A 149 16.98 -6.20 1.71
CA GLY A 149 16.79 -5.58 3.01
C GLY A 149 15.31 -5.16 3.11
N LEU A 150 14.98 -3.87 3.04
CA LEU A 150 13.60 -3.32 2.78
C LEU A 150 13.66 -3.24 1.29
N GLY A 151 12.55 -3.50 0.52
CA GLY A 151 11.24 -3.74 0.98
C GLY A 151 11.04 -5.18 1.31
N SER A 152 9.77 -5.48 1.33
CA SER A 152 9.16 -6.74 1.46
C SER A 152 8.70 -7.11 0.15
N GLY A 153 8.20 -8.39 0.00
CA GLY A 153 7.67 -8.95 -1.22
C GLY A 153 6.33 -8.34 -1.43
N ILE A 154 5.54 -8.36 -0.38
CA ILE A 154 4.26 -7.65 -0.39
C ILE A 154 4.36 -6.12 -0.68
N SER A 155 5.28 -5.35 -0.07
CA SER A 155 5.48 -4.00 -0.49
C SER A 155 5.74 -3.81 -1.90
N LEU A 156 6.67 -4.55 -2.53
CA LEU A 156 7.11 -4.31 -3.95
C LEU A 156 6.03 -4.37 -5.02
N PHE A 157 5.11 -5.36 -4.77
CA PHE A 157 3.98 -5.66 -5.48
C PHE A 157 2.94 -4.52 -5.43
N ILE A 158 2.62 -3.99 -4.21
CA ILE A 158 1.74 -2.84 -3.89
C ILE A 158 2.21 -1.61 -4.60
N ALA A 159 3.53 -1.38 -4.51
CA ALA A 159 4.02 -0.25 -5.24
C ALA A 159 3.83 -0.35 -6.76
N THR A 160 4.04 -1.49 -7.39
CA THR A 160 3.95 -1.66 -8.79
C THR A 160 2.51 -1.52 -9.26
N ASN A 161 1.54 -2.24 -8.56
CA ASN A 161 0.13 -2.20 -8.86
C ASN A 161 -0.53 -0.90 -8.76
N ILE A 162 -0.04 0.01 -7.88
CA ILE A 162 -0.60 1.32 -7.77
C ILE A 162 -0.08 2.12 -8.96
N CYS A 163 1.29 2.22 -9.08
CA CYS A 163 1.98 2.97 -10.19
C CYS A 163 1.43 2.59 -11.61
N GLU A 164 1.03 1.36 -11.82
CA GLU A 164 0.35 0.77 -12.97
C GLU A 164 -0.79 1.47 -13.41
N THR A 165 -1.87 1.56 -12.50
CA THR A 165 -3.13 2.02 -12.93
C THR A 165 -3.22 3.58 -13.08
N ILE A 166 -2.11 4.33 -12.77
CA ILE A 166 -2.13 5.78 -12.92
C ILE A 166 -1.65 6.14 -14.29
N VAL A 167 -0.64 5.34 -14.74
CA VAL A 167 0.10 5.54 -15.95
C VAL A 167 -0.65 5.03 -17.17
N TRP A 168 -1.26 3.83 -17.17
CA TRP A 168 -2.09 3.24 -18.23
C TRP A 168 -3.27 4.12 -18.69
N LYS A 169 -3.80 5.02 -17.81
CA LYS A 169 -4.96 5.78 -18.20
C LYS A 169 -4.52 7.12 -18.75
N ALA A 170 -3.22 7.48 -18.74
CA ALA A 170 -2.67 8.78 -19.16
C ALA A 170 -1.90 8.69 -20.48
N PHE A 171 -1.81 7.48 -21.08
CA PHE A 171 -1.02 7.11 -22.18
C PHE A 171 -2.06 6.63 -23.23
N SER A 172 -2.61 5.45 -23.00
CA SER A 172 -3.57 4.82 -23.84
C SER A 172 -4.34 3.82 -23.11
N PRO A 173 -5.54 4.07 -22.61
CA PRO A 173 -6.49 3.05 -22.06
C PRO A 173 -7.13 2.43 -23.30
N THR A 174 -7.39 1.15 -23.37
CA THR A 174 -7.87 0.53 -24.58
C THR A 174 -9.37 0.31 -24.52
N THR A 175 -9.93 0.80 -23.35
CA THR A 175 -11.33 0.76 -23.02
C THR A 175 -11.84 2.12 -23.50
N VAL A 176 -11.90 3.20 -22.63
CA VAL A 176 -12.54 4.43 -22.97
C VAL A 176 -11.70 5.52 -22.31
N ASN A 177 -11.68 6.80 -22.90
CA ASN A 177 -10.89 7.86 -22.41
C ASN A 177 -11.85 8.96 -22.07
N THR A 178 -12.14 9.09 -20.71
CA THR A 178 -13.04 10.08 -20.13
C THR A 178 -12.44 11.49 -20.18
N GLY A 179 -13.40 12.49 -20.12
CA GLY A 179 -13.06 13.87 -20.03
C GLY A 179 -13.41 14.45 -21.29
N ARG A 180 -12.96 13.81 -22.42
CA ARG A 180 -13.07 14.34 -23.78
C ARG A 180 -13.74 13.13 -24.50
N GLY A 181 -14.70 13.41 -25.46
CA GLY A 181 -15.38 12.33 -26.11
C GLY A 181 -15.83 12.75 -27.48
N MET A 182 -17.09 12.34 -27.78
CA MET A 182 -17.80 12.56 -29.04
C MET A 182 -17.59 11.42 -29.97
N GLU A 183 -17.01 10.29 -29.38
CA GLU A 183 -16.93 9.02 -30.08
C GLU A 183 -17.63 7.97 -29.27
N PHE A 184 -18.38 6.99 -29.83
CA PHE A 184 -19.13 6.02 -29.10
C PHE A 184 -18.70 4.67 -29.58
N GLU A 185 -17.42 4.60 -30.06
CA GLU A 185 -16.63 3.32 -30.18
C GLU A 185 -16.43 2.66 -28.87
N GLY A 186 -15.85 3.29 -27.89
CA GLY A 186 -15.75 2.79 -26.51
C GLY A 186 -14.80 1.65 -26.28
N ALA A 187 -13.88 1.51 -27.24
CA ALA A 187 -13.05 0.34 -27.30
C ALA A 187 -11.72 0.51 -27.97
N ILE A 188 -11.37 1.77 -28.16
CA ILE A 188 -10.06 2.15 -28.69
C ILE A 188 -9.84 3.61 -28.41
N ILE A 189 -10.69 4.21 -27.57
CA ILE A 189 -10.74 5.55 -27.18
C ILE A 189 -9.68 5.69 -26.15
N ALA A 190 -8.63 6.38 -26.50
CA ALA A 190 -7.45 6.49 -25.74
C ALA A 190 -7.10 7.85 -25.75
N LEU A 191 -6.14 8.22 -24.87
CA LEU A 191 -5.56 9.51 -24.73
C LEU A 191 -4.72 9.87 -25.92
N PHE A 192 -3.88 8.95 -26.45
CA PHE A 192 -3.06 9.20 -27.63
C PHE A 192 -3.88 9.14 -28.85
N HIS A 193 -4.90 8.31 -28.80
CA HIS A 193 -5.83 8.24 -29.97
C HIS A 193 -6.70 9.51 -30.20
N LEU A 194 -7.04 10.27 -29.14
CA LEU A 194 -7.75 11.45 -29.20
C LEU A 194 -6.84 12.62 -29.61
N LEU A 195 -5.52 12.55 -29.33
CA LEU A 195 -4.55 13.56 -29.56
C LEU A 195 -4.35 13.73 -31.01
N ALA A 196 -4.52 12.63 -31.84
CA ALA A 196 -4.43 12.72 -33.24
C ALA A 196 -5.68 13.35 -33.83
N THR A 197 -6.93 13.03 -33.34
CA THR A 197 -8.18 13.45 -34.02
C THR A 197 -8.41 14.90 -33.62
N ARG A 198 -7.87 15.34 -32.44
CA ARG A 198 -8.14 16.64 -31.90
C ARG A 198 -7.42 17.75 -32.55
N THR A 199 -6.29 17.45 -33.27
CA THR A 199 -5.52 18.45 -34.00
C THR A 199 -6.20 18.84 -35.25
N ASP A 200 -7.13 18.01 -35.77
CA ASP A 200 -7.89 18.37 -36.94
C ASP A 200 -9.03 19.25 -36.59
N LYS A 201 -9.25 19.62 -35.27
CA LYS A 201 -10.23 20.61 -34.88
C LYS A 201 -9.56 21.50 -33.87
N VAL A 202 -10.37 21.90 -32.83
CA VAL A 202 -9.92 22.80 -31.80
C VAL A 202 -9.47 22.11 -30.58
N ARG A 203 -8.88 22.96 -29.66
CA ARG A 203 -8.17 22.52 -28.49
C ARG A 203 -9.22 21.94 -27.57
N ALA A 204 -8.84 20.93 -26.76
CA ALA A 204 -9.64 20.33 -25.73
C ALA A 204 -8.75 19.90 -24.65
N LEU A 205 -7.63 20.55 -24.57
CA LEU A 205 -6.53 20.44 -23.67
C LEU A 205 -6.60 21.69 -22.80
N ARG A 206 -7.75 22.49 -22.77
CA ARG A 206 -7.92 23.76 -22.04
C ARG A 206 -8.39 23.39 -20.70
N GLU A 207 -9.31 24.15 -20.08
CA GLU A 207 -10.08 23.87 -18.88
C GLU A 207 -11.46 23.53 -19.41
N ALA A 208 -11.61 23.42 -20.77
CA ALA A 208 -12.85 23.10 -21.44
C ALA A 208 -12.55 21.76 -22.01
N PHE A 209 -13.54 20.91 -21.94
CA PHE A 209 -13.48 19.57 -22.41
C PHE A 209 -14.89 19.28 -22.91
N TYR A 210 -15.15 18.20 -23.69
CA TYR A 210 -16.55 18.03 -24.26
C TYR A 210 -17.56 17.50 -23.35
N ARG A 211 -17.21 16.92 -22.14
CA ARG A 211 -18.21 16.23 -21.35
C ARG A 211 -17.55 16.18 -19.96
N GLN A 212 -16.24 16.50 -19.76
CA GLN A 212 -15.60 16.82 -18.48
C GLN A 212 -15.90 15.92 -17.33
N ASN A 213 -16.01 14.60 -17.54
CA ASN A 213 -16.32 13.72 -16.45
C ASN A 213 -15.16 13.64 -15.46
N LEU A 214 -13.93 13.55 -16.05
CA LEU A 214 -12.71 13.47 -15.32
C LEU A 214 -11.72 13.42 -16.45
N PRO A 215 -11.22 14.53 -17.01
CA PRO A 215 -10.07 14.54 -17.93
C PRO A 215 -8.79 13.94 -17.32
N ASN A 216 -8.15 12.99 -18.06
CA ASN A 216 -7.28 11.99 -17.44
C ASN A 216 -5.85 12.44 -17.52
N LEU A 217 -5.61 13.36 -18.50
CA LEU A 217 -4.23 14.08 -18.63
C LEU A 217 -4.13 15.03 -17.37
N MET A 218 -5.22 15.72 -17.12
CA MET A 218 -5.41 16.73 -16.09
C MET A 218 -5.41 16.11 -14.70
N ASN A 219 -5.69 14.76 -14.60
CA ASN A 219 -5.92 14.18 -13.37
C ASN A 219 -4.49 13.78 -12.81
N LEU A 220 -3.55 13.49 -13.67
CA LEU A 220 -2.15 13.13 -13.40
C LEU A 220 -1.33 14.32 -12.87
N ILE A 221 -1.65 15.57 -13.36
CA ILE A 221 -0.95 16.79 -13.01
C ILE A 221 -1.24 17.02 -11.54
N ALA A 222 -2.54 16.78 -11.17
CA ALA A 222 -2.98 16.87 -9.82
C ALA A 222 -2.46 15.76 -8.99
N THR A 223 -2.30 14.52 -9.52
CA THR A 223 -1.75 13.39 -8.77
C THR A 223 -0.45 13.70 -8.16
N ILE A 224 0.44 14.28 -8.90
CA ILE A 224 1.81 14.45 -8.46
C ILE A 224 1.97 15.63 -7.53
N PHE A 225 0.89 16.42 -7.30
CA PHE A 225 0.90 17.51 -6.44
C PHE A 225 0.79 17.04 -5.02
N VAL A 226 -0.18 16.10 -4.72
CA VAL A 226 -0.44 15.66 -3.38
C VAL A 226 0.70 14.72 -2.87
N PHE A 227 1.49 14.09 -3.79
CA PHE A 227 2.61 13.39 -3.40
C PHE A 227 3.62 14.28 -2.64
N ALA A 228 3.70 15.59 -3.01
CA ALA A 228 4.75 16.51 -2.75
C ALA A 228 4.62 16.98 -1.30
N VAL A 229 3.35 17.16 -0.85
CA VAL A 229 3.14 17.57 0.51
C VAL A 229 3.33 16.43 1.47
N VAL A 230 3.20 15.12 1.13
CA VAL A 230 3.40 14.03 2.07
C VAL A 230 4.88 13.82 2.33
N ILE A 231 5.76 13.70 1.26
CA ILE A 231 7.25 13.59 1.38
C ILE A 231 7.97 14.73 2.13
N TYR A 232 7.34 15.90 2.15
CA TYR A 232 7.80 17.05 2.92
C TYR A 232 7.83 16.71 4.42
N PHE A 233 6.76 16.02 4.89
CA PHE A 233 6.52 15.54 6.29
C PHE A 233 7.14 14.33 6.68
N GLN A 234 7.61 13.54 5.69
CA GLN A 234 8.50 12.40 5.91
C GLN A 234 9.93 12.77 6.25
N GLY A 235 10.40 13.94 5.66
CA GLY A 235 11.63 14.64 6.09
C GLY A 235 11.48 15.17 7.55
N PHE A 236 10.28 15.46 7.99
CA PHE A 236 10.07 15.74 9.36
C PHE A 236 10.14 14.46 10.10
N ARG A 237 11.19 14.32 10.93
CA ARG A 237 11.35 13.30 11.94
C ARG A 237 12.37 13.85 12.88
N VAL A 238 12.46 13.38 14.18
CA VAL A 238 13.37 13.94 15.15
C VAL A 238 14.39 12.90 15.41
N ASP A 239 15.66 13.26 15.51
CA ASP A 239 16.73 12.45 16.06
C ASP A 239 17.16 12.98 17.44
N LEU A 240 17.58 12.16 18.34
CA LEU A 240 18.00 12.51 19.60
C LEU A 240 19.45 11.97 19.70
N PRO A 241 20.52 12.64 20.24
CA PRO A 241 21.69 12.01 20.81
C PRO A 241 21.39 11.57 22.21
N ILE A 242 21.96 10.39 22.59
CA ILE A 242 21.61 9.79 23.86
C ILE A 242 22.69 9.00 24.48
N LYS A 243 23.08 9.32 25.76
CA LYS A 243 24.10 8.70 26.61
C LYS A 243 23.63 7.49 27.34
N SER A 244 24.56 6.73 27.96
CA SER A 244 24.32 5.45 28.60
C SER A 244 24.72 5.59 30.09
N ALA A 245 24.19 4.69 30.96
CA ALA A 245 24.08 4.88 32.38
C ALA A 245 25.33 4.63 33.14
N ARG A 246 25.98 3.49 32.92
CA ARG A 246 26.95 2.98 33.80
C ARG A 246 28.25 3.76 33.52
N TYR A 247 28.41 4.10 32.22
CA TYR A 247 29.53 4.79 31.71
C TYR A 247 28.81 5.92 31.02
N ARG A 248 29.13 7.15 31.28
CA ARG A 248 28.50 8.29 30.67
C ARG A 248 29.16 8.80 29.44
N GLY A 249 30.38 8.24 29.00
CA GLY A 249 31.35 8.86 28.12
C GLY A 249 31.09 8.61 26.64
N GLN A 250 29.98 7.92 26.29
CA GLN A 250 29.51 7.52 25.05
C GLN A 250 28.18 8.05 24.81
N TYR A 251 27.86 8.12 23.50
CA TYR A 251 26.65 8.74 23.00
C TYR A 251 26.36 8.01 21.77
N ASN A 252 25.01 7.77 21.56
CA ASN A 252 24.48 6.83 20.64
C ASN A 252 23.52 7.68 19.92
N THR A 253 22.43 7.13 19.37
CA THR A 253 21.26 7.93 18.87
C THR A 253 20.00 7.11 18.90
N TYR A 254 18.83 7.85 18.98
CA TYR A 254 17.54 7.28 18.81
C TYR A 254 16.82 8.11 17.76
N PRO A 255 16.28 7.54 16.73
CA PRO A 255 15.38 8.24 15.81
C PRO A 255 13.92 7.96 16.17
N ILE A 256 13.08 8.99 16.31
CA ILE A 256 11.72 9.10 16.64
C ILE A 256 11.13 9.50 15.27
N LYS A 257 10.29 8.60 14.72
CA LYS A 257 9.66 8.90 13.47
C LYS A 257 8.28 9.37 13.80
N LEU A 258 7.95 10.58 13.26
CA LEU A 258 6.74 11.34 13.44
C LEU A 258 5.50 10.55 13.12
N PHE A 259 5.50 9.79 11.99
CA PHE A 259 4.45 8.87 11.56
C PHE A 259 4.36 7.64 12.48
N TYR A 260 3.24 6.93 12.56
CA TYR A 260 3.06 5.77 13.38
C TYR A 260 2.01 4.80 12.80
N THR A 261 2.11 3.47 13.25
CA THR A 261 1.31 2.31 12.90
C THR A 261 1.59 1.80 11.48
N SER A 262 2.57 2.50 10.85
CA SER A 262 3.15 2.16 9.55
C SER A 262 2.06 2.64 8.56
N ASN A 263 0.88 3.21 9.01
CA ASN A 263 -0.18 3.93 8.26
C ASN A 263 -1.10 2.94 7.58
N ILE A 264 -0.94 1.68 7.86
CA ILE A 264 -1.70 0.55 7.30
C ILE A 264 -3.12 0.33 7.94
N PRO A 265 -3.28 0.30 9.29
CA PRO A 265 -4.56 0.25 9.90
C PRO A 265 -5.11 1.62 10.06
N ILE A 266 -4.92 2.54 9.14
CA ILE A 266 -5.53 3.86 9.16
C ILE A 266 -6.28 3.89 7.90
N ILE A 267 -5.62 3.45 6.81
CA ILE A 267 -6.06 3.37 5.44
C ILE A 267 -6.98 2.22 5.35
N LEU A 268 -6.74 1.12 6.07
CA LEU A 268 -7.51 -0.13 5.94
C LEU A 268 -8.78 -0.06 6.69
N GLN A 269 -8.72 0.39 7.96
CA GLN A 269 -9.77 0.66 8.90
C GLN A 269 -10.79 1.77 8.49
N SER A 270 -10.40 2.75 7.62
CA SER A 270 -11.37 3.61 6.99
C SER A 270 -12.33 2.85 6.07
N ALA A 271 -11.76 1.94 5.29
CA ALA A 271 -12.47 1.19 4.39
C ALA A 271 -13.34 0.12 5.00
N LEU A 272 -12.77 -0.71 5.92
CA LEU A 272 -13.46 -1.90 6.32
C LEU A 272 -14.59 -1.60 7.23
N VAL A 273 -14.83 -0.28 7.65
CA VAL A 273 -16.06 -0.10 8.40
C VAL A 273 -17.22 0.29 7.53
N SER A 274 -16.96 0.78 6.30
CA SER A 274 -17.96 1.05 5.28
C SER A 274 -18.50 -0.32 4.78
N ASN A 275 -17.69 -1.40 4.72
CA ASN A 275 -18.18 -2.65 4.24
C ASN A 275 -19.25 -3.26 5.12
N LEU A 276 -19.01 -3.06 6.46
CA LEU A 276 -19.79 -3.77 7.45
C LEU A 276 -21.13 -3.14 7.69
N TYR A 277 -21.39 -1.90 7.21
CA TYR A 277 -22.68 -1.34 7.05
C TYR A 277 -23.31 -1.72 5.79
N VAL A 278 -22.57 -1.60 4.62
CA VAL A 278 -23.27 -1.75 3.40
C VAL A 278 -23.66 -3.18 3.05
N ILE A 279 -23.01 -4.20 3.65
CA ILE A 279 -23.28 -5.59 3.35
C ILE A 279 -24.52 -5.99 4.06
N SER A 280 -24.59 -5.45 5.28
CA SER A 280 -25.63 -5.77 6.17
C SER A 280 -27.06 -5.43 5.82
N GLN A 281 -27.30 -4.59 4.81
CA GLN A 281 -28.54 -3.96 4.58
C GLN A 281 -29.45 -4.93 3.96
N MET A 282 -28.92 -5.74 3.03
CA MET A 282 -29.52 -6.84 2.30
C MET A 282 -29.50 -8.14 3.10
N LEU A 283 -28.60 -8.21 4.11
CA LEU A 283 -28.53 -9.27 5.06
C LEU A 283 -29.64 -9.19 6.05
N SER A 284 -30.08 -7.96 6.53
CA SER A 284 -31.17 -7.59 7.41
C SER A 284 -32.49 -7.95 6.76
N ALA A 285 -32.58 -7.83 5.39
CA ALA A 285 -33.70 -8.19 4.58
C ALA A 285 -33.98 -9.64 4.55
N ARG A 286 -32.92 -10.54 4.66
CA ARG A 286 -33.06 -11.97 4.64
C ARG A 286 -33.53 -12.46 6.00
N PHE A 287 -33.25 -11.69 7.06
CA PHE A 287 -33.41 -12.14 8.40
C PHE A 287 -34.84 -11.99 8.82
N SER A 288 -35.75 -11.62 8.02
N PRO A 312 -31.13 -2.05 0.47
CA PRO A 312 -31.60 -0.70 -0.21
C PRO A 312 -30.45 0.16 -0.41
N VAL A 313 -29.91 0.06 -1.63
CA VAL A 313 -28.61 0.55 -2.05
C VAL A 313 -28.63 2.09 -1.94
N GLY A 314 -29.69 2.83 -2.27
CA GLY A 314 -29.70 4.25 -2.47
C GLY A 314 -29.74 5.02 -1.23
N GLY A 315 -30.97 5.04 -0.59
CA GLY A 315 -31.25 5.89 0.53
C GLY A 315 -30.34 5.56 1.74
N LEU A 316 -30.15 4.26 2.17
CA LEU A 316 -29.45 3.96 3.40
C LEU A 316 -28.07 4.36 3.36
N CYS A 317 -27.39 4.17 2.21
CA CYS A 317 -26.04 4.60 2.10
C CYS A 317 -25.99 6.12 2.18
N HIS A 318 -26.93 6.77 1.42
CA HIS A 318 -26.78 8.20 1.05
C HIS A 318 -26.73 8.98 2.35
N TYR A 319 -27.56 8.65 3.31
CA TYR A 319 -27.92 9.52 4.38
C TYR A 319 -26.97 9.29 5.53
N LEU A 320 -26.12 8.26 5.46
CA LEU A 320 -25.18 7.94 6.52
C LEU A 320 -23.83 8.46 6.06
N SER A 321 -23.47 8.32 4.78
CA SER A 321 -22.17 8.73 4.23
C SER A 321 -22.30 8.90 2.79
N PRO A 322 -22.35 10.08 2.21
CA PRO A 322 -21.94 10.26 0.83
C PRO A 322 -20.54 9.76 0.54
N PRO A 323 -20.14 8.92 -0.47
CA PRO A 323 -18.74 8.55 -0.68
C PRO A 323 -17.96 9.70 -1.32
N GLU A 324 -16.78 9.92 -0.81
CA GLU A 324 -15.73 10.74 -1.29
C GLU A 324 -16.23 12.11 -1.63
N SER A 325 -15.37 12.86 -2.25
CA SER A 325 -15.68 14.19 -2.74
C SER A 325 -16.41 14.07 -4.03
N PHE A 326 -17.15 15.15 -4.34
CA PHE A 326 -17.98 15.29 -5.52
C PHE A 326 -17.51 16.58 -6.20
N GLY A 327 -16.30 17.04 -5.81
CA GLY A 327 -15.58 18.10 -6.50
C GLY A 327 -15.33 19.10 -5.43
N SER A 328 -14.84 20.27 -5.85
CA SER A 328 -14.62 21.45 -5.10
C SER A 328 -15.91 22.20 -4.86
N VAL A 329 -17.09 21.82 -5.43
CA VAL A 329 -18.32 22.44 -5.30
C VAL A 329 -19.26 21.40 -4.67
N LEU A 330 -18.88 20.17 -4.56
CA LEU A 330 -19.49 19.08 -3.90
C LEU A 330 -20.81 18.86 -4.60
N GLU A 331 -21.81 18.43 -3.77
CA GLU A 331 -23.08 18.02 -4.28
C GLU A 331 -24.08 18.12 -3.12
N ASP A 332 -23.55 18.46 -1.89
CA ASP A 332 -24.32 18.37 -0.69
C ASP A 332 -23.84 19.58 0.08
N PRO A 333 -24.66 20.37 0.71
CA PRO A 333 -24.14 21.64 1.29
C PRO A 333 -23.85 21.23 2.72
N VAL A 334 -24.47 20.14 3.20
CA VAL A 334 -24.28 19.82 4.61
C VAL A 334 -23.95 18.35 4.82
N HIS A 335 -24.36 17.47 3.87
CA HIS A 335 -24.23 16.00 3.99
C HIS A 335 -22.82 15.57 3.74
N ALA A 336 -22.12 16.22 2.79
CA ALA A 336 -20.78 16.00 2.56
C ALA A 336 -19.90 16.49 3.69
N VAL A 337 -20.29 17.61 4.38
CA VAL A 337 -19.50 18.25 5.45
C VAL A 337 -19.45 17.32 6.63
N VAL A 338 -20.64 16.80 7.10
CA VAL A 338 -20.72 15.96 8.29
C VAL A 338 -19.89 14.69 8.05
N TYR A 339 -19.85 14.14 6.85
CA TYR A 339 -19.10 12.97 6.41
C TYR A 339 -17.62 13.12 6.48
N ILE A 340 -17.08 14.22 6.01
CA ILE A 340 -15.67 14.53 6.06
C ILE A 340 -15.10 14.69 7.40
N VAL A 341 -15.88 15.38 8.25
CA VAL A 341 -15.59 15.65 9.69
C VAL A 341 -15.72 14.38 10.42
N PHE A 342 -16.63 13.48 10.03
CA PHE A 342 -16.76 12.19 10.65
C PHE A 342 -15.54 11.32 10.31
N MET A 343 -15.19 11.25 9.00
CA MET A 343 -14.05 10.56 8.50
C MET A 343 -12.82 10.95 9.21
N LEU A 344 -12.37 12.22 9.34
CA LEU A 344 -11.16 12.56 9.95
C LEU A 344 -11.12 12.15 11.41
N GLY A 345 -12.23 12.16 12.13
CA GLY A 345 -12.40 11.75 13.49
C GLY A 345 -12.14 10.27 13.65
N SER A 346 -12.78 9.46 12.78
CA SER A 346 -12.57 8.00 12.65
C SER A 346 -11.11 7.63 12.51
N CYS A 347 -10.43 8.36 11.58
CA CYS A 347 -9.01 8.05 11.19
C CYS A 347 -8.00 8.47 12.18
N ALA A 348 -8.40 9.42 12.96
CA ALA A 348 -7.57 9.99 14.00
C ALA A 348 -7.72 9.06 15.14
N PHE A 349 -8.95 8.59 15.41
CA PHE A 349 -9.21 7.61 16.45
C PHE A 349 -8.64 6.20 16.25
N PHE A 350 -8.41 5.67 15.03
CA PHE A 350 -7.81 4.30 14.82
C PHE A 350 -6.41 4.27 15.23
N SER A 351 -5.68 5.37 15.04
CA SER A 351 -4.30 5.48 15.47
C SER A 351 -4.17 5.48 16.98
N LYS A 352 -5.08 6.24 17.66
CA LYS A 352 -4.94 6.39 19.11
C LYS A 352 -5.30 5.05 19.83
N THR A 353 -6.15 4.19 19.16
CA THR A 353 -6.48 2.90 19.74
C THR A 353 -5.43 1.85 19.36
N TRP A 354 -4.77 1.90 18.17
CA TRP A 354 -3.84 0.87 17.82
C TRP A 354 -2.60 0.77 18.66
N ILE A 355 -2.05 1.97 19.05
CA ILE A 355 -0.68 2.02 19.62
C ILE A 355 -0.43 1.29 20.86
N GLU A 356 -1.44 1.30 21.80
CA GLU A 356 -1.43 0.67 23.03
C GLU A 356 -1.49 -0.82 22.86
N VAL A 357 -2.35 -1.38 21.94
CA VAL A 357 -2.75 -2.81 22.00
C VAL A 357 -2.02 -3.70 20.96
N SER A 358 -1.18 -3.17 20.02
CA SER A 358 -0.48 -3.99 19.09
C SER A 358 0.64 -3.17 18.46
N GLY A 359 0.51 -1.85 18.63
CA GLY A 359 1.36 -0.83 18.06
C GLY A 359 2.49 -0.61 19.07
N SER A 360 3.20 0.52 18.95
CA SER A 360 4.34 0.97 19.84
C SER A 360 3.88 2.23 20.50
N SER A 361 4.14 2.27 21.84
CA SER A 361 3.68 3.35 22.69
C SER A 361 4.63 3.23 23.85
N ALA A 362 4.23 3.78 24.98
CA ALA A 362 4.88 3.96 26.23
C ALA A 362 5.76 2.83 26.58
N LYS A 363 5.19 1.63 26.78
CA LYS A 363 5.91 0.45 27.19
C LYS A 363 6.78 -0.16 26.21
N ASP A 364 6.32 -0.26 24.92
CA ASP A 364 7.16 -0.90 23.85
C ASP A 364 8.43 -0.17 23.61
N VAL A 365 8.51 1.16 23.75
CA VAL A 365 9.69 1.99 23.56
C VAL A 365 10.62 1.93 24.81
N ALA A 366 10.04 1.74 26.04
CA ALA A 366 10.69 1.78 27.35
C ALA A 366 11.51 0.54 27.37
N LYS A 367 11.01 -0.65 26.86
CA LYS A 367 11.60 -1.94 26.87
C LYS A 367 12.90 -1.86 26.08
N GLN A 368 12.77 -1.27 24.84
CA GLN A 368 13.90 -1.01 23.95
C GLN A 368 15.12 -0.34 24.57
N LEU A 369 14.94 0.81 25.29
CA LEU A 369 16.06 1.62 25.80
C LEU A 369 16.73 0.90 27.00
N LYS A 370 15.92 0.25 27.83
CA LYS A 370 16.34 -0.29 29.05
C LYS A 370 17.30 -1.37 28.92
N GLU A 371 17.25 -2.10 27.72
CA GLU A 371 18.18 -3.21 27.44
C GLU A 371 19.62 -2.85 27.58
N GLN A 372 20.01 -1.71 26.85
CA GLN A 372 21.35 -1.16 26.75
C GLN A 372 21.53 -0.06 27.71
N GLN A 373 20.56 0.19 28.67
CA GLN A 373 20.69 1.02 29.83
C GLN A 373 20.90 2.52 29.45
N MET A 374 19.91 2.94 28.62
CA MET A 374 20.04 4.28 28.21
C MET A 374 19.52 5.19 29.35
N VAL A 375 20.05 6.40 29.36
CA VAL A 375 19.68 7.43 30.28
C VAL A 375 19.85 8.69 29.50
N MET A 376 19.16 9.72 30.06
CA MET A 376 19.14 11.07 29.52
C MET A 376 20.21 11.89 30.15
N ARG A 377 20.75 12.92 29.53
CA ARG A 377 21.81 13.78 29.91
C ARG A 377 21.46 14.53 31.14
N GLY A 378 20.17 14.97 31.25
CA GLY A 378 19.72 15.85 32.36
C GLY A 378 18.79 15.13 33.34
N HIS A 379 18.44 13.90 32.92
CA HIS A 379 17.43 13.16 33.63
C HIS A 379 17.81 11.69 33.57
N ARG A 380 16.79 10.79 33.43
CA ARG A 380 16.93 9.31 33.42
C ARG A 380 15.92 8.73 32.45
N GLU A 381 16.13 7.37 32.23
CA GLU A 381 15.32 6.36 31.56
C GLU A 381 13.80 6.68 31.52
N THR A 382 13.04 6.26 32.54
CA THR A 382 11.68 6.55 32.92
C THR A 382 11.05 7.80 32.46
N SER A 383 11.74 8.94 32.31
CA SER A 383 11.12 10.20 32.12
C SER A 383 11.28 10.70 30.71
N MET A 384 11.87 9.83 29.77
CA MET A 384 11.78 9.97 28.39
C MET A 384 10.37 9.52 28.05
N VAL A 385 9.94 8.40 28.71
CA VAL A 385 8.71 7.71 28.57
C VAL A 385 7.55 8.65 28.85
N HIS A 386 7.68 9.60 29.78
CA HIS A 386 6.69 10.57 30.19
C HIS A 386 6.53 11.71 29.18
N GLU A 387 7.43 11.82 28.21
CA GLU A 387 7.41 12.88 27.21
C GLU A 387 6.95 12.34 25.88
N LEU A 388 6.90 10.98 25.74
CA LEU A 388 6.44 10.28 24.54
C LEU A 388 5.11 9.72 24.84
N ASN A 389 4.63 9.78 26.11
CA ASN A 389 3.21 9.68 26.40
C ASN A 389 2.49 10.76 25.70
N ARG A 390 2.98 12.07 25.68
CA ARG A 390 2.39 13.10 24.86
C ARG A 390 2.55 12.88 23.34
N TYR A 391 3.77 12.66 22.90
CA TYR A 391 4.21 12.79 21.52
C TYR A 391 3.50 11.72 20.65
N ILE A 392 3.52 10.47 21.12
CA ILE A 392 3.10 9.33 20.34
C ILE A 392 1.67 9.45 19.89
N PRO A 393 0.66 9.70 20.83
CA PRO A 393 -0.72 10.02 20.47
C PRO A 393 -0.85 11.21 19.58
N THR A 394 -0.26 12.39 19.82
CA THR A 394 -0.45 13.62 18.99
C THR A 394 0.12 13.68 17.57
N ALA A 395 1.36 13.11 17.43
CA ALA A 395 2.07 12.83 16.16
C ALA A 395 1.35 11.77 15.35
N ALA A 396 0.88 10.69 15.96
CA ALA A 396 0.33 9.49 15.39
C ALA A 396 -0.94 9.76 14.65
N ALA A 397 -1.78 10.65 15.28
CA ALA A 397 -3.16 10.74 14.94
C ALA A 397 -3.32 12.02 14.06
N PHE A 398 -2.35 12.94 14.12
CA PHE A 398 -2.22 14.07 13.19
C PHE A 398 -1.49 13.60 11.97
N GLY A 399 -0.86 12.45 12.01
CA GLY A 399 -0.34 11.74 10.91
C GLY A 399 -1.44 11.17 10.08
N GLY A 400 -2.47 10.71 10.82
CA GLY A 400 -3.63 9.97 10.35
C GLY A 400 -4.58 10.90 9.52
N LEU A 401 -4.66 12.17 10.04
CA LEU A 401 -5.55 13.18 9.48
C LEU A 401 -5.10 13.66 8.08
N CYS A 402 -4.00 12.91 7.47
CA CYS A 402 -3.42 13.25 6.21
C CYS A 402 -3.54 12.03 5.37
N ILE A 403 -3.55 10.82 6.01
CA ILE A 403 -3.81 9.60 5.28
C ILE A 403 -5.33 9.52 4.94
N GLY A 404 -6.15 10.24 5.82
CA GLY A 404 -7.56 10.48 5.59
C GLY A 404 -7.77 11.49 4.47
N ALA A 405 -7.00 12.58 4.41
CA ALA A 405 -7.21 13.68 3.47
C ALA A 405 -6.47 13.27 2.19
N LEU A 406 -5.94 11.99 1.96
CA LEU A 406 -5.61 11.43 0.67
C LEU A 406 -6.78 10.76 0.07
N SER A 407 -7.50 9.98 0.89
CA SER A 407 -8.60 9.10 0.55
C SER A 407 -9.82 9.77 0.06
N VAL A 408 -10.15 10.99 0.61
CA VAL A 408 -11.31 11.76 0.10
C VAL A 408 -11.08 12.32 -1.24
N LEU A 409 -9.88 12.79 -1.56
CA LEU A 409 -9.44 13.16 -2.90
C LEU A 409 -9.47 11.95 -3.88
N ALA A 410 -9.91 12.23 -5.09
CA ALA A 410 -10.18 11.21 -6.06
C ALA A 410 -10.35 11.89 -7.41
N ASP A 411 -10.20 13.22 -7.37
CA ASP A 411 -10.41 14.07 -8.51
C ASP A 411 -9.17 14.90 -8.58
N PHE A 412 -8.26 14.76 -7.61
CA PHE A 412 -6.93 15.35 -7.62
C PHE A 412 -5.97 14.27 -7.31
N LEU A 413 -6.36 12.99 -7.49
CA LEU A 413 -5.57 11.87 -7.15
C LEU A 413 -6.18 10.86 -8.06
N GLY A 414 -5.33 10.03 -8.67
CA GLY A 414 -5.57 9.03 -9.65
C GLY A 414 -5.23 7.71 -9.14
N ALA A 415 -4.68 7.59 -7.87
CA ALA A 415 -4.45 6.39 -7.16
C ALA A 415 -5.77 5.69 -6.81
N ILE A 416 -5.72 4.30 -6.77
CA ILE A 416 -6.90 3.39 -6.71
C ILE A 416 -7.43 3.20 -5.28
N GLY A 417 -6.72 3.85 -4.30
CA GLY A 417 -7.17 3.87 -2.93
C GLY A 417 -6.05 4.37 -2.03
N SER A 418 -4.74 4.10 -2.39
CA SER A 418 -3.54 4.39 -1.59
C SER A 418 -2.58 5.26 -2.38
N GLY A 419 -2.02 6.40 -1.81
CA GLY A 419 -1.71 6.69 -0.41
C GLY A 419 -0.73 5.67 0.06
N THR A 420 -0.72 5.47 1.41
CA THR A 420 0.05 4.64 2.32
C THR A 420 1.00 3.67 1.61
N GLY A 421 0.43 2.64 0.89
CA GLY A 421 1.20 1.51 0.46
C GLY A 421 2.24 1.72 -0.62
N ILE A 422 1.93 2.62 -1.59
CA ILE A 422 2.96 2.94 -2.55
C ILE A 422 3.97 3.94 -1.94
N LEU A 423 3.67 4.66 -0.83
CA LEU A 423 4.46 5.76 -0.39
C LEU A 423 5.46 5.19 0.60
N LEU A 424 5.02 4.26 1.45
CA LEU A 424 6.00 3.39 2.18
C LEU A 424 7.06 2.79 1.26
N ALA A 425 6.68 2.42 -0.02
CA ALA A 425 7.62 1.88 -1.07
C ALA A 425 8.59 3.02 -1.47
N VAL A 426 8.11 4.17 -1.88
CA VAL A 426 9.05 5.26 -2.24
C VAL A 426 9.93 5.69 -1.09
N THR A 427 9.48 5.64 0.22
CA THR A 427 10.38 6.02 1.29
C THR A 427 11.49 4.95 1.36
N ILE A 428 11.10 3.68 1.12
CA ILE A 428 12.09 2.64 1.18
C ILE A 428 13.18 2.74 0.06
N ILE A 429 12.87 3.46 -1.05
CA ILE A 429 13.76 3.71 -2.21
C ILE A 429 14.75 4.72 -1.75
N TYR A 430 14.35 5.81 -1.05
CA TYR A 430 15.24 6.82 -0.55
C TYR A 430 16.40 6.26 0.28
N GLN A 431 16.10 5.27 1.19
CA GLN A 431 17.00 4.50 2.00
C GLN A 431 17.99 3.72 1.09
N TYR A 432 17.52 2.93 0.12
CA TYR A 432 18.38 2.12 -0.70
C TYR A 432 19.16 2.77 -1.82
N PHE A 433 18.70 3.89 -2.29
CA PHE A 433 19.26 4.73 -3.29
C PHE A 433 20.46 5.41 -2.80
N GLU A 434 20.40 5.86 -1.51
CA GLU A 434 21.52 6.46 -0.83
C GLU A 434 22.64 5.42 -0.59
N ILE A 435 22.29 4.14 -0.28
CA ILE A 435 23.24 3.20 0.09
C ILE A 435 24.15 2.89 -1.14
N PHE A 436 23.49 2.90 -2.31
CA PHE A 436 24.08 2.72 -3.56
C PHE A 436 24.97 3.94 -3.98
N VAL A 437 24.55 5.20 -3.62
CA VAL A 437 25.43 6.28 -3.83
C VAL A 437 26.65 6.26 -2.95
N LYS A 438 26.56 5.76 -1.71
CA LYS A 438 27.76 5.79 -0.79
C LYS A 438 28.92 4.95 -1.20
N GLU A 439 28.63 3.64 -1.58
CA GLU A 439 29.52 2.57 -2.05
C GLU A 439 30.11 2.90 -3.38
N GLN A 440 29.32 3.56 -4.28
CA GLN A 440 29.74 3.89 -5.66
C GLN A 440 30.81 4.92 -5.48
N SER A 441 30.48 6.04 -4.70
CA SER A 441 31.49 7.12 -4.54
C SER A 441 32.82 6.52 -3.85
N GLU A 442 33.95 6.67 -4.37
N GLU B 1 10.49 -28.79 5.65
CA GLU B 1 9.21 -28.38 6.19
C GLU B 1 9.28 -26.95 6.63
N ASP B 2 9.14 -26.65 7.90
CA ASP B 2 9.30 -25.32 8.38
C ASP B 2 10.56 -25.16 9.12
N SER B 3 11.36 -26.21 9.32
CA SER B 3 12.71 -26.12 9.87
C SER B 3 13.69 -25.22 9.19
N PRO B 4 13.74 -25.04 7.90
CA PRO B 4 14.60 -24.01 7.36
C PRO B 4 14.48 -22.54 7.84
N GLY B 5 15.54 -21.92 8.38
CA GLY B 5 15.56 -20.58 8.97
C GLY B 5 15.81 -19.69 7.81
N LEU B 6 16.61 -20.22 6.84
CA LEU B 6 17.03 -19.41 5.75
C LEU B 6 16.31 -19.92 4.53
N LYS B 7 16.05 -19.02 3.55
CA LYS B 7 15.09 -19.25 2.52
C LYS B 7 15.71 -18.62 1.20
N VAL B 8 17.00 -18.37 1.06
CA VAL B 8 17.71 -17.82 -0.10
C VAL B 8 18.69 -19.01 -0.42
N GLY B 9 19.13 -19.09 -1.67
CA GLY B 9 20.00 -20.04 -2.24
C GLY B 9 19.68 -20.23 -3.67
N PRO B 10 20.46 -20.97 -4.42
CA PRO B 10 20.07 -21.30 -5.77
C PRO B 10 18.77 -22.07 -5.85
N VAL B 11 18.61 -23.04 -4.84
CA VAL B 11 17.59 -24.06 -5.02
C VAL B 11 16.17 -23.41 -5.06
N PRO B 12 15.76 -22.44 -4.17
CA PRO B 12 14.41 -21.86 -4.23
C PRO B 12 14.12 -21.15 -5.58
N VAL B 13 15.13 -20.46 -6.15
CA VAL B 13 14.97 -19.83 -7.45
C VAL B 13 14.55 -20.81 -8.59
N LEU B 14 15.14 -22.03 -8.67
CA LEU B 14 14.81 -23.06 -9.60
C LEU B 14 13.39 -23.58 -9.39
N VAL B 15 12.95 -23.72 -8.09
CA VAL B 15 11.61 -24.16 -7.80
C VAL B 15 10.55 -23.18 -8.20
N MET B 16 10.67 -21.88 -8.00
CA MET B 16 9.72 -20.83 -8.42
C MET B 16 9.64 -20.76 -9.94
N SER B 17 10.73 -20.79 -10.73
CA SER B 17 10.72 -20.75 -12.15
C SER B 17 10.02 -21.92 -12.71
N LEU B 18 10.28 -23.19 -12.15
CA LEU B 18 9.82 -24.48 -12.71
C LEU B 18 8.33 -24.51 -12.67
N LEU B 19 7.70 -24.14 -11.54
CA LEU B 19 6.30 -24.01 -11.41
C LEU B 19 5.69 -22.92 -12.26
N PHE B 20 6.38 -21.77 -12.39
CA PHE B 20 5.81 -20.56 -13.07
C PHE B 20 5.55 -20.92 -14.58
N ILE B 21 6.44 -21.67 -15.16
CA ILE B 21 6.27 -22.15 -16.54
C ILE B 21 5.08 -23.12 -16.76
N ALA B 22 4.76 -24.08 -15.83
CA ALA B 22 3.51 -24.87 -16.02
C ALA B 22 2.31 -23.94 -15.89
N SER B 23 2.31 -22.92 -14.95
CA SER B 23 1.20 -22.10 -14.82
C SER B 23 0.88 -21.32 -16.03
N VAL B 24 1.92 -20.79 -16.70
CA VAL B 24 1.77 -20.03 -17.95
C VAL B 24 1.26 -20.86 -19.12
N PHE B 25 1.69 -22.13 -19.20
CA PHE B 25 1.44 -22.76 -20.49
C PHE B 25 0.62 -24.07 -20.49
N MET B 26 0.79 -24.99 -19.53
CA MET B 26 0.43 -26.38 -19.55
C MET B 26 -1.07 -26.55 -19.40
N LEU B 27 -1.68 -25.78 -18.51
CA LEU B 27 -3.02 -25.96 -18.09
C LEU B 27 -3.97 -25.15 -18.94
N HIS B 28 -3.49 -24.19 -19.75
CA HIS B 28 -4.33 -23.44 -20.64
C HIS B 28 -4.93 -24.31 -21.75
N ILE B 29 -6.22 -23.98 -21.99
CA ILE B 29 -7.19 -24.57 -22.86
C ILE B 29 -7.45 -23.79 -24.11
N TRP B 30 -6.96 -22.55 -24.08
CA TRP B 30 -7.10 -21.54 -25.12
C TRP B 30 -6.17 -21.84 -26.31
N GLY B 31 -4.87 -22.17 -25.96
CA GLY B 31 -3.78 -22.55 -26.88
C GLY B 31 -3.63 -23.99 -27.12
N LYS B 32 -4.39 -24.88 -26.52
CA LYS B 32 -4.47 -26.30 -26.78
C LYS B 32 -3.16 -26.90 -26.38
N TYR B 33 -2.92 -26.87 -25.06
CA TYR B 33 -1.73 -27.45 -24.44
C TYR B 33 -2.07 -28.71 -23.65
N THR B 34 -3.40 -28.92 -23.40
CA THR B 34 -3.97 -30.12 -22.85
C THR B 34 -5.41 -30.09 -23.29
N ARG B 35 -5.95 -31.30 -23.57
CA ARG B 35 -7.27 -31.45 -24.20
C ARG B 35 -8.24 -32.24 -23.32
N SER B 36 -9.51 -31.78 -23.24
CA SER B 36 -10.60 -32.40 -22.47
C SER B 36 -11.84 -32.34 -23.36
N PHE C 1 -18.06 21.36 27.91
CA PHE C 1 -16.70 21.23 27.28
C PHE C 1 -15.82 20.07 27.64
N VAL C 2 -14.85 19.81 26.70
CA VAL C 2 -13.90 18.77 26.76
C VAL C 2 -12.58 19.47 26.66
N GLU C 3 -11.73 19.19 27.72
CA GLU C 3 -10.35 19.72 27.84
C GLU C 3 -9.49 19.28 26.72
N PRO C 4 -9.37 17.98 26.40
CA PRO C 4 -8.20 17.52 25.64
C PRO C 4 -8.03 18.04 24.21
N SER C 5 -9.17 18.17 23.48
CA SER C 5 -9.16 18.65 22.05
C SER C 5 -8.23 19.78 21.77
N ARG C 6 -8.31 20.81 22.63
CA ARG C 6 -7.62 22.09 22.47
C ARG C 6 -6.23 21.94 22.69
N GLN C 7 -5.79 20.93 23.43
CA GLN C 7 -4.38 20.82 23.88
C GLN C 7 -3.60 19.89 23.00
N PHE C 8 -4.39 18.92 22.39
CA PHE C 8 -3.86 17.91 21.45
C PHE C 8 -3.41 18.75 20.21
N VAL C 9 -4.22 19.78 19.78
CA VAL C 9 -4.04 20.70 18.65
C VAL C 9 -2.80 21.52 18.90
N LYS C 10 -2.47 21.85 20.17
CA LYS C 10 -1.18 22.58 20.46
C LYS C 10 0.00 21.69 20.30
N ASP C 11 -0.06 20.58 21.10
CA ASP C 11 1.01 19.56 21.18
C ASP C 11 1.34 18.80 19.85
N SER C 12 0.54 18.96 18.79
CA SER C 12 0.76 18.36 17.52
C SER C 12 1.48 19.31 16.55
N ILE C 13 1.31 20.67 16.66
CA ILE C 13 1.82 21.50 15.56
C ILE C 13 3.03 22.34 15.95
N ARG C 14 3.49 22.08 17.19
CA ARG C 14 4.75 22.63 17.77
C ARG C 14 5.79 21.51 17.76
N LEU C 15 5.35 20.24 17.47
CA LEU C 15 6.25 19.05 17.49
C LEU C 15 6.66 18.76 16.07
N VAL C 16 6.20 19.69 15.13
CA VAL C 16 6.69 19.73 13.82
C VAL C 16 7.76 20.72 13.72
N LYS C 17 7.99 21.47 14.80
CA LYS C 17 9.01 22.40 14.97
C LYS C 17 10.13 21.88 15.83
N ARG C 18 10.04 20.57 16.21
CA ARG C 18 11.12 19.87 16.79
C ARG C 18 11.80 19.01 15.83
N CYS C 19 11.17 18.78 14.67
CA CYS C 19 11.65 18.05 13.51
C CYS C 19 12.64 18.94 12.78
N THR C 20 13.61 18.29 12.00
CA THR C 20 14.78 18.87 11.46
C THR C 20 14.40 19.74 10.25
N LYS C 21 13.24 19.43 9.59
CA LYS C 21 12.68 20.15 8.40
C LYS C 21 13.47 20.17 7.11
N PRO C 22 13.03 19.91 5.94
CA PRO C 22 13.72 20.04 4.69
C PRO C 22 14.40 21.33 4.40
N ASP C 23 15.64 21.20 3.90
CA ASP C 23 16.45 22.20 3.30
C ASP C 23 16.26 22.11 1.77
N ARG C 24 16.63 23.17 1.01
CA ARG C 24 16.41 23.28 -0.41
C ARG C 24 16.97 22.18 -1.26
N LYS C 25 18.26 21.87 -1.14
CA LYS C 25 18.93 20.85 -1.92
C LYS C 25 18.38 19.45 -1.60
N GLU C 26 17.93 19.24 -0.31
CA GLU C 26 17.48 17.94 0.23
C GLU C 26 16.07 17.64 -0.15
N PHE C 27 15.20 18.69 -0.42
CA PHE C 27 13.86 18.67 -0.93
C PHE C 27 13.99 18.34 -2.34
N GLN C 28 15.02 18.77 -3.09
CA GLN C 28 15.27 18.42 -4.47
C GLN C 28 15.63 17.00 -4.66
N LYS C 29 16.62 16.48 -3.85
CA LYS C 29 17.07 15.11 -3.91
C LYS C 29 15.98 14.00 -3.64
N ILE C 30 15.05 14.24 -2.72
CA ILE C 30 13.89 13.34 -2.56
C ILE C 30 12.89 13.52 -3.63
N ALA C 31 12.75 14.79 -4.08
CA ALA C 31 11.73 15.13 -5.05
C ALA C 31 12.00 14.65 -6.42
N MET C 32 13.33 14.51 -6.83
CA MET C 32 13.85 13.91 -8.01
C MET C 32 13.67 12.44 -7.98
N ALA C 33 14.02 11.81 -6.90
CA ALA C 33 13.96 10.40 -6.67
C ALA C 33 12.64 9.88 -6.77
N THR C 34 11.57 10.55 -6.35
CA THR C 34 10.21 10.12 -6.51
C THR C 34 9.83 9.90 -7.98
N ALA C 35 10.21 10.85 -8.88
CA ALA C 35 9.70 10.84 -10.22
C ALA C 35 10.22 9.63 -10.98
N ILE C 36 11.46 9.11 -10.64
CA ILE C 36 12.09 7.90 -11.22
C ILE C 36 11.31 6.72 -10.81
N GLY C 37 11.14 6.51 -9.50
CA GLY C 37 10.57 5.29 -9.02
C GLY C 37 9.27 4.91 -9.59
N PHE C 38 8.41 5.88 -9.87
CA PHE C 38 7.06 5.59 -10.33
C PHE C 38 7.05 5.38 -11.88
N ALA C 39 8.01 5.79 -12.71
CA ALA C 39 8.12 5.51 -14.18
C ALA C 39 8.52 4.01 -14.36
N ILE C 40 9.15 3.34 -13.40
CA ILE C 40 9.55 1.94 -13.48
C ILE C 40 8.28 1.04 -13.29
N MET C 41 7.52 1.49 -12.29
CA MET C 41 6.26 0.88 -11.86
C MET C 41 5.19 1.16 -12.89
N GLY C 42 5.42 2.00 -13.90
CA GLY C 42 4.65 2.41 -15.00
C GLY C 42 4.54 1.31 -15.97
N PHE C 43 5.69 0.71 -16.29
CA PHE C 43 5.99 -0.17 -17.39
C PHE C 43 5.28 -1.46 -17.35
N ILE C 44 4.73 -1.91 -16.22
CA ILE C 44 4.07 -3.22 -15.83
C ILE C 44 2.77 -3.34 -16.65
N GLY C 45 2.04 -2.20 -16.76
CA GLY C 45 0.78 -2.28 -17.39
C GLY C 45 0.71 -2.40 -18.87
N PHE C 46 1.72 -1.88 -19.56
CA PHE C 46 1.77 -1.74 -21.00
C PHE C 46 2.30 -3.03 -21.71
N PHE C 47 3.58 -3.45 -21.45
CA PHE C 47 4.21 -4.57 -22.10
C PHE C 47 3.43 -5.93 -22.02
N VAL C 48 2.93 -6.26 -20.75
CA VAL C 48 2.45 -7.64 -20.40
C VAL C 48 1.10 -7.87 -21.08
N LYS C 49 0.46 -6.86 -21.66
CA LYS C 49 -0.84 -7.02 -22.35
C LYS C 49 -0.60 -7.74 -23.67
N LEU C 50 0.55 -7.62 -24.37
CA LEU C 50 0.61 -8.26 -25.66
C LEU C 50 0.82 -9.75 -25.63
N ILE C 51 1.30 -10.23 -24.46
CA ILE C 51 1.41 -11.68 -24.29
C ILE C 51 0.13 -12.28 -23.78
N HIS C 52 -0.63 -11.45 -22.99
CA HIS C 52 -1.94 -11.81 -22.33
C HIS C 52 -3.02 -11.93 -23.30
N ILE C 53 -3.27 -10.82 -24.14
CA ILE C 53 -4.45 -10.73 -24.94
C ILE C 53 -4.58 -11.68 -26.05
N PRO C 54 -3.62 -12.14 -26.88
CA PRO C 54 -3.98 -12.98 -28.00
C PRO C 54 -3.99 -14.43 -27.40
N ILE C 55 -3.34 -14.73 -26.28
CA ILE C 55 -3.49 -16.06 -25.69
C ILE C 55 -4.84 -16.28 -25.05
N ASN C 56 -5.39 -15.26 -24.31
CA ASN C 56 -6.61 -15.48 -23.55
C ASN C 56 -7.81 -15.74 -24.42
N ASN C 57 -7.95 -14.95 -25.47
CA ASN C 57 -9.04 -15.10 -26.42
C ASN C 57 -8.68 -14.38 -27.64
N ILE C 58 -9.40 -14.57 -28.78
CA ILE C 58 -8.99 -14.03 -30.04
C ILE C 58 -9.94 -12.94 -30.34
N ILE C 59 -11.12 -12.68 -29.66
CA ILE C 59 -12.12 -11.71 -30.04
C ILE C 59 -11.66 -10.41 -29.31
N VAL C 60 -11.10 -9.45 -30.13
CA VAL C 60 -10.68 -8.24 -29.49
C VAL C 60 -10.60 -7.20 -30.59
N GLY C 61 -10.49 -7.62 -31.87
CA GLY C 61 -10.52 -6.67 -32.99
C GLY C 61 -9.16 -6.00 -33.23
N GLY C 62 -8.16 -6.51 -32.50
CA GLY C 62 -6.79 -6.08 -32.54
C GLY C 62 -6.09 -7.37 -32.80
#